data_6C4G
#
_entry.id   6C4G
#
_cell.length_a   61.541
_cell.length_b   91.192
_cell.length_c   176.038
_cell.angle_alpha   90.000
_cell.angle_beta   90.000
_cell.angle_gamma   90.000
#
_symmetry.space_group_name_H-M   'C 2 2 21'
#
loop_
_entity.id
_entity.type
_entity.pdbx_description
1 polymer 'Aspartic protease PM5'
2 branched 2-acetamido-2-deoxy-beta-D-glucopyranose-(1-4)-2-acetamido-2-deoxy-beta-D-glucopyranose
3 non-polymer 2-acetamido-2-deoxy-beta-D-glucopyranose
4 non-polymer 'benzyl [(6S,7S,10S,13S,18Z)-18-amino-10-cyclohexyl-6-hydroxy-18-imino-7-(2-methylpropyl)-4,9,12-trioxo-1-phenyl-16-oxa-3,8,11,17-tetraazaoctadecan-13-yl]carbamate'
5 non-polymer 1,2-ETHANEDIOL
6 water water
#
_entity_poly.entity_id   1
_entity_poly.type   'polypeptide(L)'
_entity_poly.pdbx_seq_one_letter_code
;GTRSESTEGHSKDLLYKYKLYGDIDEYAYYFLDIDIGTPEQRISLILDTGSSSLSFPCAGCKNCGVHMENPFNLNNSKTS
SILYCENEECPFKLNCVKGKCEYMQSYCEGSQISGFYFSDVVSVVSYNNERVTFRKLMGCHMHEESLFLYQQATGVLGMS
LSKPQGIPTFVNLLFDNAPQLKQVFTICISENGGELIAGGYDPAYIVRRGGSKSVSGQGSGPVSESLSESGEDPQVALRE
AEKVVWENVTRKYYYYIKVRGLDMFGTNMMSSSKGLEMLVDSGSTFTHIPEDLYNKLNYFFDILCIQDMNNAYDVNKRLK
MTNESFNNPLVQFDDFRKSLKSIIAKENMCVKIVDGVQCWKYLEGLPDLFVTLSNNYKMKWQPHSYLYKKESFWCKGIEK
QVNNKPILGLTFFKNRQVIFDIQKNRIGFVDANCPSHPTHTRPR
;
_entity_poly.pdbx_strand_id   A
#
loop_
_chem_comp.id
_chem_comp.type
_chem_comp.name
_chem_comp.formula
EDO non-polymer 1,2-ETHANEDIOL 'C2 H6 O2'
EQG non-polymer 'benzyl [(6S,7S,10S,13S,18Z)-18-amino-10-cyclohexyl-6-hydroxy-18-imino-7-(2-methylpropyl)-4,9,12-trioxo-1-phenyl-16-oxa-3,8,11,17-tetraazaoctadecan-13-yl]carbamate' 'C37 H55 N7 O7'
NAG D-saccharide, beta linking 2-acetamido-2-deoxy-beta-D-glucopyranose 'C8 H15 N O6'
#
# COMPACT_ATOMS: atom_id res chain seq x y z
N ASP A 13 6.55 19.17 16.43
CA ASP A 13 6.97 17.95 17.13
C ASP A 13 8.18 17.28 16.45
N LEU A 14 8.75 16.30 17.15
CA LEU A 14 9.88 15.54 16.65
C LEU A 14 9.42 14.53 15.60
N LEU A 15 9.94 14.68 14.37
CA LEU A 15 9.66 13.78 13.26
C LEU A 15 10.95 13.12 12.82
N TYR A 16 11.01 11.78 12.90
CA TYR A 16 12.10 11.01 12.31
C TYR A 16 11.67 10.49 10.94
N LYS A 17 12.53 10.71 9.94
CA LYS A 17 12.16 10.52 8.54
C LYS A 17 13.08 9.51 7.87
N TYR A 18 12.49 8.55 7.16
CA TYR A 18 13.23 7.50 6.48
C TYR A 18 12.84 7.44 5.02
N LYS A 19 13.81 7.12 4.17
CA LYS A 19 13.60 7.09 2.74
C LYS A 19 12.87 5.80 2.33
N LEU A 20 11.88 5.96 1.47
CA LEU A 20 11.25 4.82 0.79
C LEU A 20 11.62 4.82 -0.69
N TYR A 21 11.81 3.61 -1.23
CA TYR A 21 12.08 3.38 -2.63
C TYR A 21 10.98 2.50 -3.20
N GLY A 22 10.81 2.55 -4.54
CA GLY A 22 9.91 1.67 -5.24
C GLY A 22 9.01 2.44 -6.19
N ASP A 23 8.03 1.73 -6.74
CA ASP A 23 7.08 2.25 -7.72
C ASP A 23 6.03 1.17 -7.97
N ILE A 24 4.98 1.54 -8.68
CA ILE A 24 3.87 0.62 -8.88
C ILE A 24 4.12 -0.30 -10.08
N ASP A 25 4.69 0.24 -11.16
CA ASP A 25 4.79 -0.51 -12.41
C ASP A 25 5.87 -1.59 -12.40
N GLU A 26 7.05 -1.30 -11.83
CA GLU A 26 8.11 -2.31 -11.87
C GLU A 26 8.29 -3.06 -10.56
N TYR A 27 8.43 -2.37 -9.44
CA TYR A 27 8.55 -3.11 -8.19
C TYR A 27 7.22 -3.69 -7.75
N ALA A 28 6.13 -2.93 -7.94
CA ALA A 28 4.81 -3.20 -7.38
C ALA A 28 4.75 -3.03 -5.87
N TYR A 29 5.79 -2.48 -5.24
CA TYR A 29 5.79 -2.22 -3.81
C TYR A 29 6.75 -1.08 -3.53
N TYR A 30 6.72 -0.60 -2.30
CA TYR A 30 7.70 0.37 -1.82
C TYR A 30 8.43 -0.25 -0.66
N PHE A 31 9.69 0.12 -0.49
CA PHE A 31 10.53 -0.57 0.49
C PHE A 31 11.48 0.41 1.17
N LEU A 32 12.03 0.00 2.31
CA LEU A 32 13.07 0.78 2.97
C LEU A 32 14.19 -0.12 3.45
N ASP A 33 15.28 0.51 3.89
CA ASP A 33 16.42 -0.19 4.43
C ASP A 33 16.40 -0.14 5.95
N ILE A 34 16.68 -1.26 6.59
CA ILE A 34 16.94 -1.25 8.02
C ILE A 34 18.21 -2.06 8.28
N ASP A 35 18.85 -1.77 9.40
CA ASP A 35 20.04 -2.50 9.80
C ASP A 35 19.66 -3.57 10.82
N ILE A 36 20.18 -4.77 10.65
CA ILE A 36 19.88 -5.90 11.51
C ILE A 36 21.20 -6.51 11.98
N GLY A 37 21.32 -6.75 13.29
CA GLY A 37 22.47 -7.43 13.83
C GLY A 37 23.67 -6.54 14.13
N THR A 38 24.69 -7.18 14.71
CA THR A 38 25.93 -6.57 15.16
C THR A 38 27.13 -7.40 14.69
N PRO A 39 27.97 -6.88 13.79
CA PRO A 39 27.82 -5.65 13.02
C PRO A 39 26.60 -5.67 12.09
N GLU A 40 26.04 -4.49 11.88
CA GLU A 40 24.80 -4.34 11.13
C GLU A 40 24.90 -4.93 9.73
N GLN A 41 23.84 -5.65 9.34
CA GLN A 41 23.63 -6.08 7.97
C GLN A 41 22.42 -5.33 7.41
N ARG A 42 22.61 -4.61 6.31
CA ARG A 42 21.57 -3.77 5.72
C ARG A 42 20.61 -4.66 4.92
N ILE A 43 19.34 -4.61 5.27
CA ILE A 43 18.31 -5.47 4.69
C ILE A 43 17.17 -4.57 4.22
N SER A 44 16.80 -4.70 2.95
CA SER A 44 15.68 -3.94 2.39
C SER A 44 14.37 -4.71 2.56
N LEU A 45 13.29 -4.00 2.90
CA LEU A 45 12.04 -4.62 3.35
C LEU A 45 10.81 -3.92 2.78
N ILE A 46 9.89 -4.70 2.23
CA ILE A 46 8.65 -4.13 1.72
C ILE A 46 7.84 -3.55 2.89
N LEU A 47 7.40 -2.30 2.75
CA LEU A 47 6.63 -1.65 3.81
C LEU A 47 5.16 -2.06 3.67
N ASP A 48 4.64 -2.80 4.67
CA ASP A 48 3.34 -3.47 4.55
C ASP A 48 2.48 -3.25 5.79
N THR A 49 1.62 -2.24 5.75
CA THR A 49 0.69 -2.02 6.86
C THR A 49 -0.36 -3.12 6.97
N GLY A 50 -0.36 -4.08 6.05
CA GLY A 50 -1.29 -5.18 6.08
C GLY A 50 -0.76 -6.49 6.65
N SER A 51 0.42 -6.49 7.27
CA SER A 51 0.93 -7.71 7.91
C SER A 51 1.70 -7.31 9.15
N SER A 52 2.05 -8.31 9.97
CA SER A 52 2.65 -8.06 11.27
C SER A 52 4.07 -8.56 11.43
N SER A 53 4.57 -9.40 10.53
CA SER A 53 5.89 -10.01 10.70
C SER A 53 6.98 -9.17 10.05
N LEU A 54 8.21 -9.38 10.53
CA LEU A 54 9.42 -8.83 9.95
C LEU A 54 10.30 -10.02 9.59
N SER A 55 10.58 -10.21 8.32
CA SER A 55 11.21 -11.46 7.90
C SER A 55 11.93 -11.29 6.55
N PHE A 56 12.80 -12.27 6.28
CA PHE A 56 13.74 -12.26 5.15
C PHE A 56 14.50 -13.59 5.12
N PRO A 57 15.14 -13.96 4.01
CA PRO A 57 15.94 -15.20 4.00
C PRO A 57 17.14 -15.09 4.94
N CYS A 58 17.62 -16.26 5.38
CA CYS A 58 18.78 -16.37 6.24
C CYS A 58 19.75 -17.35 5.60
N ALA A 59 21.05 -17.10 5.78
CA ALA A 59 22.08 -17.96 5.19
C ALA A 59 21.74 -19.42 5.39
N GLY A 60 22.02 -20.25 4.39
CA GLY A 60 21.63 -21.63 4.47
C GLY A 60 20.26 -21.91 3.93
N CYS A 61 19.52 -20.88 3.51
CA CYS A 61 18.29 -21.13 2.80
C CYS A 61 18.61 -21.87 1.51
N LYS A 62 17.77 -22.86 1.19
CA LYS A 62 17.89 -23.63 -0.04
C LYS A 62 16.73 -23.39 -1.00
N ASN A 63 15.58 -22.93 -0.50
CA ASN A 63 14.41 -22.64 -1.33
C ASN A 63 14.12 -21.12 -1.40
N CYS A 64 15.12 -20.29 -1.72
CA CYS A 64 14.94 -18.84 -1.71
C CYS A 64 15.49 -18.22 -3.00
N GLY A 65 14.80 -17.20 -3.48
CA GLY A 65 15.25 -16.49 -4.66
C GLY A 65 16.36 -15.49 -4.37
N VAL A 66 16.91 -14.93 -5.44
CA VAL A 66 17.99 -13.97 -5.34
C VAL A 66 17.39 -12.56 -5.21
N HIS A 67 17.82 -11.83 -4.19
CA HIS A 67 17.31 -10.50 -3.87
C HIS A 67 18.45 -9.48 -3.88
N MET A 68 18.08 -8.23 -3.61
CA MET A 68 19.06 -7.15 -3.64
C MET A 68 20.21 -7.38 -2.66
N GLU A 69 19.96 -8.00 -1.52
CA GLU A 69 21.00 -8.32 -0.56
C GLU A 69 21.09 -9.82 -0.34
N ASN A 70 22.26 -10.28 0.09
CA ASN A 70 22.39 -11.69 0.37
C ASN A 70 21.59 -12.06 1.63
N PRO A 71 21.11 -13.29 1.71
CA PRO A 71 20.39 -13.72 2.92
C PRO A 71 21.12 -13.25 4.19
N PHE A 72 20.34 -12.90 5.22
CA PHE A 72 20.93 -12.54 6.50
C PHE A 72 21.74 -13.71 7.03
N ASN A 73 22.97 -13.43 7.46
CA ASN A 73 23.87 -14.45 7.98
C ASN A 73 23.85 -14.41 9.52
N LEU A 74 23.16 -15.38 10.11
CA LEU A 74 23.03 -15.40 11.58
C LEU A 74 24.37 -15.59 12.27
N ASN A 75 25.27 -16.37 11.67
CA ASN A 75 26.55 -16.65 12.33
C ASN A 75 27.44 -15.42 12.41
N ASN A 76 27.28 -14.45 11.50
CA ASN A 76 28.09 -13.24 11.51
C ASN A 76 27.57 -12.19 12.49
N SER A 77 26.43 -12.41 13.12
CA SER A 77 25.86 -11.45 14.05
C SER A 77 26.10 -11.93 15.47
N LYS A 78 26.88 -11.17 16.22
CA LYS A 78 27.18 -11.54 17.60
C LYS A 78 25.95 -11.53 18.49
N THR A 79 24.84 -10.94 18.05
CA THR A 79 23.71 -10.68 18.94
C THR A 79 22.44 -11.44 18.52
N SER A 80 22.54 -12.36 17.56
CA SER A 80 21.39 -13.15 17.14
C SER A 80 21.16 -14.35 18.05
N SER A 81 19.89 -14.71 18.24
CA SER A 81 19.48 -15.89 18.99
C SER A 81 18.39 -16.62 18.22
N ILE A 82 18.71 -17.80 17.69
CA ILE A 82 17.66 -18.65 17.17
C ILE A 82 16.72 -19.02 18.31
N LEU A 83 15.41 -18.89 18.07
CA LEU A 83 14.39 -19.22 19.07
C LEU A 83 14.14 -20.73 19.04
N TYR A 84 15.00 -21.46 19.74
CA TYR A 84 14.80 -22.90 19.90
C TYR A 84 13.62 -23.16 20.85
N CYS A 85 12.95 -24.31 20.65
CA CYS A 85 11.84 -24.65 21.54
C CYS A 85 12.41 -25.17 22.84
N GLU A 86 11.80 -24.76 23.95
CA GLU A 86 12.03 -25.35 25.26
C GLU A 86 10.91 -26.33 25.56
N ASN A 87 11.26 -27.55 25.98
CA ASN A 87 10.27 -28.56 26.32
C ASN A 87 9.32 -28.79 25.14
N GLU A 88 9.88 -28.78 23.93
CA GLU A 88 9.14 -28.92 22.68
C GLU A 88 7.98 -27.93 22.59
N GLU A 89 8.18 -26.73 23.12
CA GLU A 89 7.11 -25.75 23.23
C GLU A 89 7.66 -24.36 22.92
N CYS A 90 6.74 -23.46 22.58
CA CYS A 90 7.13 -22.15 22.09
C CYS A 90 6.30 -21.03 22.70
N PRO A 91 6.92 -19.89 22.95
CA PRO A 91 6.16 -18.69 23.33
C PRO A 91 5.18 -18.28 22.23
N PHE A 92 4.23 -17.42 22.61
CA PHE A 92 3.30 -16.81 21.67
C PHE A 92 2.51 -17.86 20.87
N LYS A 93 2.26 -19.02 21.46
CA LYS A 93 1.48 -20.09 20.82
C LYS A 93 2.03 -20.48 19.45
N LEU A 94 3.33 -20.29 19.24
CA LEU A 94 3.95 -20.77 18.01
C LEU A 94 4.19 -22.26 18.15
N ASN A 95 4.44 -22.92 17.01
CA ASN A 95 4.61 -24.38 16.98
C ASN A 95 6.08 -24.75 16.84
N CYS A 96 6.47 -25.80 17.53
CA CYS A 96 7.82 -26.32 17.50
C CYS A 96 7.94 -27.34 16.37
N VAL A 97 8.87 -27.12 15.44
CA VAL A 97 9.21 -28.16 14.47
C VAL A 97 10.72 -28.22 14.33
N LYS A 98 11.27 -29.43 14.42
CA LYS A 98 12.71 -29.70 14.24
C LYS A 98 13.57 -28.86 15.17
N GLY A 99 13.08 -28.59 16.37
CA GLY A 99 13.89 -27.95 17.39
C GLY A 99 13.75 -26.45 17.46
N LYS A 100 13.14 -25.83 16.47
CA LYS A 100 13.01 -24.38 16.40
C LYS A 100 11.55 -23.99 16.33
N CYS A 101 11.24 -22.81 16.86
CA CYS A 101 9.89 -22.27 16.80
C CYS A 101 9.60 -21.81 15.38
N GLU A 102 8.54 -22.36 14.78
CA GLU A 102 8.34 -22.27 13.34
C GLU A 102 7.72 -20.94 12.93
N TYR A 103 8.29 -20.31 11.91
CA TYR A 103 7.71 -19.14 11.27
C TYR A 103 6.99 -19.59 10.01
N MET A 104 5.80 -19.05 9.81
CA MET A 104 4.86 -19.55 8.81
C MET A 104 3.85 -18.44 8.57
N GLN A 105 3.82 -17.92 7.34
CA GLN A 105 3.07 -16.72 7.03
C GLN A 105 2.48 -16.90 5.65
N SER A 106 1.16 -16.80 5.54
CA SER A 106 0.47 -16.84 4.27
C SER A 106 -0.07 -15.46 3.96
N TYR A 107 -0.05 -15.09 2.68
CA TYR A 107 -0.53 -13.80 2.24
C TYR A 107 -1.69 -14.02 1.28
N CYS A 108 -2.53 -12.99 1.14
CA CYS A 108 -3.73 -13.11 0.30
C CYS A 108 -3.38 -13.22 -1.18
N GLU A 109 -2.22 -12.72 -1.60
CA GLU A 109 -1.76 -12.92 -2.96
C GLU A 109 -1.52 -14.38 -3.30
N GLY A 110 -1.51 -15.26 -2.30
CA GLY A 110 -1.28 -16.67 -2.52
C GLY A 110 0.06 -17.17 -2.02
N SER A 111 0.95 -16.27 -1.63
CA SER A 111 2.31 -16.64 -1.23
C SER A 111 2.34 -17.21 0.19
N GLN A 112 3.17 -18.22 0.39
CA GLN A 112 3.37 -18.82 1.70
C GLN A 112 4.87 -18.83 1.99
N ILE A 113 5.29 -18.04 2.98
CA ILE A 113 6.69 -18.01 3.43
C ILE A 113 6.79 -18.79 4.73
N SER A 114 7.88 -19.53 4.91
CA SER A 114 8.04 -20.35 6.11
C SER A 114 9.51 -20.43 6.49
N GLY A 115 9.73 -20.73 7.76
CA GLY A 115 11.06 -20.96 8.28
C GLY A 115 11.03 -21.03 9.79
N PHE A 116 11.92 -20.28 10.44
CA PHE A 116 12.01 -20.30 11.90
C PHE A 116 12.27 -18.90 12.40
N TYR A 117 11.93 -18.68 13.67
CA TYR A 117 12.10 -17.39 14.31
C TYR A 117 13.48 -17.25 14.93
N PHE A 118 13.95 -16.01 15.02
CA PHE A 118 15.15 -15.66 15.75
C PHE A 118 15.01 -14.22 16.20
N SER A 119 15.78 -13.82 17.20
CA SER A 119 15.83 -12.43 17.59
C SER A 119 17.22 -11.87 17.34
N ASP A 120 17.27 -10.55 17.16
CA ASP A 120 18.52 -9.83 16.99
C ASP A 120 18.20 -8.34 17.10
N VAL A 121 19.24 -7.52 17.03
CA VAL A 121 19.11 -6.08 17.22
C VAL A 121 18.62 -5.45 15.92
N VAL A 122 17.57 -4.67 16.02
CA VAL A 122 17.10 -3.89 14.91
C VAL A 122 17.52 -2.43 15.10
N SER A 123 18.00 -1.82 14.04
CA SER A 123 18.47 -0.45 14.11
C SER A 123 17.88 0.35 12.95
N VAL A 124 17.23 1.46 13.30
CA VAL A 124 16.49 2.30 12.38
C VAL A 124 17.04 3.72 12.47
N VAL A 125 17.58 4.22 11.37
CA VAL A 125 18.29 5.49 11.38
C VAL A 125 17.69 6.40 10.33
N SER A 126 17.21 7.57 10.77
CA SER A 126 16.64 8.56 9.85
C SER A 126 17.76 9.20 9.02
N TYR A 127 17.37 9.89 7.95
CA TYR A 127 18.41 10.57 7.20
C TYR A 127 18.82 11.90 7.85
N ASN A 128 18.42 12.13 9.10
CA ASN A 128 19.03 13.15 9.94
C ASN A 128 19.82 12.52 11.07
N ASN A 129 20.21 11.25 10.88
CA ASN A 129 21.08 10.50 11.78
C ASN A 129 20.46 10.23 13.15
N GLU A 130 19.14 10.24 13.26
CA GLU A 130 18.47 9.91 14.52
C GLU A 130 18.07 8.43 14.50
N ARG A 131 18.38 7.74 15.59
CA ARG A 131 18.45 6.29 15.60
C ARG A 131 17.65 5.71 16.76
N VAL A 132 16.81 4.73 16.45
CA VAL A 132 16.09 3.92 17.44
C VAL A 132 16.53 2.48 17.26
N THR A 133 16.88 1.83 18.36
CA THR A 133 17.34 0.45 18.38
C THR A 133 16.51 -0.34 19.38
N PHE A 134 16.38 -1.64 19.11
CA PHE A 134 15.70 -2.55 20.02
C PHE A 134 15.88 -3.96 19.47
N ARG A 135 15.50 -4.94 20.28
CA ARG A 135 15.49 -6.33 19.85
C ARG A 135 14.11 -6.68 19.32
N LYS A 136 14.09 -7.46 18.24
CA LYS A 136 12.86 -7.91 17.63
C LYS A 136 12.94 -9.40 17.32
N LEU A 137 11.82 -10.08 17.50
CA LEU A 137 11.65 -11.46 17.04
C LEU A 137 11.27 -11.43 15.57
N MET A 138 12.06 -12.09 14.72
CA MET A 138 11.94 -11.99 13.27
C MET A 138 11.97 -13.39 12.65
N GLY A 139 11.46 -13.49 11.43
CA GLY A 139 11.35 -14.76 10.75
C GLY A 139 12.48 -14.93 9.75
N CYS A 140 13.08 -16.11 9.76
CA CYS A 140 14.01 -16.53 8.71
C CYS A 140 13.24 -17.30 7.67
N HIS A 141 13.36 -16.90 6.41
CA HIS A 141 12.78 -17.65 5.32
C HIS A 141 13.69 -18.82 5.02
N MET A 142 13.20 -20.03 5.20
CA MET A 142 13.86 -21.18 4.62
C MET A 142 13.11 -21.70 3.39
N HIS A 143 11.95 -21.13 3.11
CA HIS A 143 11.15 -21.48 1.94
C HIS A 143 10.46 -20.23 1.42
N GLU A 144 10.58 -19.99 0.12
CA GLU A 144 9.85 -18.92 -0.54
C GLU A 144 9.16 -19.50 -1.76
N GLU A 145 8.03 -18.88 -2.12
CA GLU A 145 7.29 -19.32 -3.29
C GLU A 145 6.60 -18.11 -3.89
N SER A 146 6.18 -18.26 -5.14
CA SER A 146 5.31 -17.28 -5.80
C SER A 146 6.10 -15.97 -5.95
N LEU A 147 5.46 -14.81 -5.78
CA LEU A 147 6.12 -13.55 -6.07
C LEU A 147 7.39 -13.37 -5.24
N PHE A 148 7.44 -13.97 -4.05
CA PHE A 148 8.61 -13.79 -3.19
C PHE A 148 9.88 -14.33 -3.84
N LEU A 149 9.74 -15.38 -4.66
CA LEU A 149 10.92 -15.97 -5.30
C LEU A 149 11.58 -15.00 -6.29
N TYR A 150 10.82 -14.06 -6.84
CA TYR A 150 11.30 -13.26 -7.94
C TYR A 150 11.43 -11.79 -7.61
N GLN A 151 10.91 -11.35 -6.47
CA GLN A 151 11.04 -9.96 -6.07
C GLN A 151 12.48 -9.60 -5.77
N GLN A 152 12.75 -8.30 -5.87
CA GLN A 152 14.04 -7.75 -5.53
C GLN A 152 14.18 -7.40 -4.06
N ALA A 153 13.10 -7.03 -3.37
CA ALA A 153 13.24 -6.73 -1.96
C ALA A 153 13.65 -8.00 -1.21
N THR A 154 14.50 -7.83 -0.19
CA THR A 154 14.96 -9.02 0.52
C THR A 154 13.89 -9.61 1.43
N GLY A 155 13.01 -8.79 1.99
CA GLY A 155 11.98 -9.30 2.88
C GLY A 155 10.83 -8.34 3.06
N VAL A 156 10.12 -8.49 4.18
CA VAL A 156 8.90 -7.74 4.43
C VAL A 156 8.93 -7.19 5.84
N LEU A 157 8.45 -5.97 6.00
CA LEU A 157 8.35 -5.29 7.29
C LEU A 157 6.87 -5.05 7.54
N GLY A 158 6.25 -5.91 8.35
CA GLY A 158 4.86 -5.70 8.71
C GLY A 158 4.74 -4.51 9.63
N MET A 159 3.76 -3.64 9.38
CA MET A 159 3.56 -2.40 10.13
C MET A 159 2.29 -2.41 10.98
N SER A 160 1.64 -3.55 11.18
CA SER A 160 0.41 -3.57 11.99
C SER A 160 0.75 -3.61 13.49
N LEU A 161 -0.27 -3.57 14.34
CA LEU A 161 -0.06 -3.44 15.79
C LEU A 161 -0.05 -4.81 16.48
N SER A 162 0.66 -4.87 17.61
CA SER A 162 0.74 -6.09 18.41
C SER A 162 -0.61 -6.44 19.04
N LYS A 163 -0.84 -7.73 19.18
CA LYS A 163 -2.01 -8.29 19.84
C LYS A 163 -1.69 -8.68 21.27
N PRO A 164 -2.72 -8.98 22.09
CA PRO A 164 -2.51 -9.05 23.55
C PRO A 164 -1.39 -9.96 23.99
N GLN A 165 -1.37 -11.20 23.51
CA GLN A 165 -0.32 -12.15 23.87
C GLN A 165 0.51 -12.54 22.66
N GLY A 166 0.63 -11.64 21.67
CA GLY A 166 1.33 -11.93 20.45
C GLY A 166 2.74 -11.37 20.40
N ILE A 167 3.41 -11.65 19.29
CA ILE A 167 4.76 -11.13 19.05
C ILE A 167 4.73 -9.62 18.97
N PRO A 168 5.49 -8.90 19.80
CA PRO A 168 5.55 -7.43 19.69
C PRO A 168 6.04 -7.01 18.31
N THR A 169 5.23 -6.17 17.64
CA THR A 169 5.51 -5.77 16.27
C THR A 169 6.52 -4.63 16.20
N PHE A 170 7.03 -4.41 14.99
CA PHE A 170 7.99 -3.35 14.74
C PHE A 170 7.48 -1.99 15.20
N VAL A 171 6.23 -1.67 14.86
CA VAL A 171 5.71 -0.34 15.17
C VAL A 171 5.64 -0.13 16.67
N ASN A 172 5.13 -1.12 17.40
CA ASN A 172 5.02 -0.99 18.85
C ASN A 172 6.39 -0.92 19.51
N LEU A 173 7.32 -1.79 19.09
CA LEU A 173 8.69 -1.74 19.59
C LEU A 173 9.34 -0.40 19.27
N LEU A 174 9.24 0.06 18.03
CA LEU A 174 9.77 1.37 17.66
C LEU A 174 9.32 2.45 18.65
N PHE A 175 8.02 2.55 18.93
CA PHE A 175 7.57 3.65 19.79
C PHE A 175 7.88 3.41 21.25
N ASP A 176 7.84 2.16 21.73
CA ASP A 176 8.27 1.86 23.10
C ASP A 176 9.69 2.31 23.32
N ASN A 177 10.52 2.27 22.29
CA ASN A 177 11.92 2.59 22.42
C ASN A 177 12.27 3.97 21.88
N ALA A 178 11.27 4.82 21.63
CA ALA A 178 11.49 6.23 21.36
C ALA A 178 10.37 7.04 22.03
N PRO A 179 10.34 7.06 23.35
CA PRO A 179 9.33 7.85 24.06
C PRO A 179 9.40 9.35 23.76
N GLN A 180 10.46 9.85 23.12
CA GLN A 180 10.50 11.22 22.64
C GLN A 180 9.59 11.47 21.44
N LEU A 181 8.96 10.44 20.88
CA LEU A 181 8.10 10.58 19.71
C LEU A 181 6.64 10.36 20.07
N LYS A 182 5.75 11.06 19.38
CA LYS A 182 4.34 10.76 19.49
C LYS A 182 4.01 9.52 18.66
N GLN A 183 3.04 8.74 19.14
CA GLN A 183 2.72 7.44 18.55
C GLN A 183 1.91 7.63 17.27
N VAL A 184 2.61 8.04 16.21
CA VAL A 184 2.03 8.31 14.91
C VAL A 184 3.08 8.01 13.86
N PHE A 185 2.71 7.29 12.81
CA PHE A 185 3.57 7.16 11.64
C PHE A 185 2.78 7.50 10.38
N THR A 186 3.50 8.01 9.38
CA THR A 186 2.91 8.54 8.17
C THR A 186 3.67 7.97 6.98
N ILE A 187 2.93 7.55 5.98
CA ILE A 187 3.51 7.02 4.74
C ILE A 187 3.20 8.02 3.63
N CYS A 188 4.24 8.50 2.94
CA CYS A 188 4.12 9.48 1.87
C CYS A 188 4.65 8.86 0.58
N ILE A 189 3.75 8.34 -0.22
CA ILE A 189 4.08 7.58 -1.43
C ILE A 189 4.03 8.52 -2.63
N SER A 190 5.12 8.62 -3.38
CA SER A 190 5.07 9.33 -4.65
C SER A 190 5.18 8.31 -5.78
N GLU A 191 5.36 8.79 -7.01
CA GLU A 191 5.45 7.88 -8.16
C GLU A 191 6.72 7.03 -8.11
N ASN A 192 7.77 7.55 -7.47
CA ASN A 192 9.06 6.88 -7.35
C ASN A 192 9.54 7.09 -5.92
N GLY A 193 9.63 6.01 -5.16
CA GLY A 193 9.97 6.21 -3.77
C GLY A 193 8.97 7.04 -2.97
N GLY A 194 9.40 7.36 -1.75
CA GLY A 194 8.61 8.18 -0.87
C GLY A 194 9.27 8.32 0.48
N GLU A 195 8.47 8.51 1.51
CA GLU A 195 9.01 8.76 2.85
C GLU A 195 8.13 8.08 3.88
N LEU A 196 8.76 7.53 4.91
CA LEU A 196 8.09 7.10 6.12
C LEU A 196 8.44 8.09 7.23
N ILE A 197 7.45 8.48 8.02
CA ILE A 197 7.67 9.45 9.09
C ILE A 197 7.19 8.82 10.40
N ALA A 198 8.10 8.79 11.38
CA ALA A 198 7.75 8.42 12.74
C ALA A 198 7.71 9.67 13.60
N GLY A 199 6.63 9.83 14.36
CA GLY A 199 6.46 10.98 15.23
C GLY A 199 5.32 11.91 14.85
N GLY A 200 4.75 11.79 13.66
CA GLY A 200 3.67 12.64 13.21
C GLY A 200 3.63 12.72 11.70
N TYR A 201 3.06 13.79 11.17
CA TYR A 201 3.10 14.05 9.73
C TYR A 201 3.76 15.40 9.48
N ASP A 202 4.24 15.62 8.26
CA ASP A 202 4.94 16.87 7.95
C ASP A 202 4.00 17.83 7.27
N PRO A 203 3.60 18.93 7.92
CA PRO A 203 2.68 19.89 7.28
C PRO A 203 3.31 20.63 6.13
N ALA A 204 4.64 20.72 6.09
CA ALA A 204 5.30 21.33 4.95
C ALA A 204 4.95 20.61 3.66
N TYR A 205 4.68 19.30 3.73
CA TYR A 205 4.42 18.52 2.52
C TYR A 205 3.04 18.79 1.94
N ILE A 206 2.10 19.33 2.73
CA ILE A 206 0.73 19.45 2.25
C ILE A 206 0.66 20.42 1.09
N VAL A 207 -0.22 20.11 0.14
CA VAL A 207 -0.36 20.92 -1.06
C VAL A 207 -0.95 22.28 -0.72
N ARG A 208 -0.41 23.32 -1.38
CA ARG A 208 -0.89 24.70 -1.23
C ARG A 208 -0.18 25.46 -0.12
N ALA A 241 -2.73 25.62 3.26
CA ALA A 241 -2.66 24.17 3.43
C ALA A 241 -4.05 23.55 3.57
N GLU A 242 -4.30 22.46 2.85
CA GLU A 242 -5.56 21.75 3.01
C GLU A 242 -5.62 21.08 4.37
N LYS A 243 -6.80 20.63 4.74
CA LYS A 243 -7.00 20.10 6.08
C LYS A 243 -6.95 18.58 6.04
N VAL A 244 -6.35 18.01 7.09
CA VAL A 244 -6.26 16.56 7.22
C VAL A 244 -7.65 16.00 7.46
N VAL A 245 -7.99 14.92 6.74
CA VAL A 245 -9.29 14.27 6.85
C VAL A 245 -9.12 13.03 7.72
N TRP A 246 -9.87 12.97 8.82
CA TRP A 246 -9.72 11.90 9.80
C TRP A 246 -10.88 10.91 9.72
N GLU A 247 -10.53 9.63 9.86
CA GLU A 247 -11.47 8.52 9.91
C GLU A 247 -11.06 7.59 11.05
N ASN A 248 -12.06 7.03 11.74
CA ASN A 248 -11.80 6.08 12.81
C ASN A 248 -11.58 4.67 12.26
N VAL A 249 -10.59 3.99 12.83
CA VAL A 249 -10.39 2.57 12.57
C VAL A 249 -11.57 1.79 13.14
N THR A 250 -11.84 0.63 12.56
CA THR A 250 -12.97 -0.21 12.96
C THR A 250 -12.56 -1.52 13.62
N ARG A 251 -11.25 -1.82 13.67
CA ARG A 251 -10.73 -2.97 14.41
C ARG A 251 -9.54 -2.52 15.23
N LYS A 252 -9.30 -3.22 16.34
CA LYS A 252 -8.33 -2.74 17.33
C LYS A 252 -6.90 -2.83 16.82
N TYR A 253 -6.57 -3.91 16.10
CA TYR A 253 -5.19 -4.25 15.78
C TYR A 253 -4.85 -4.22 14.30
N TYR A 254 -5.81 -4.09 13.41
CA TYR A 254 -5.53 -3.93 11.99
C TYR A 254 -6.04 -2.57 11.54
N TYR A 255 -5.58 -2.14 10.37
CA TYR A 255 -5.92 -0.83 9.82
C TYR A 255 -7.10 -0.98 8.84
N TYR A 256 -8.34 -0.94 9.35
CA TYR A 256 -9.57 -0.97 8.55
C TYR A 256 -10.34 0.32 8.74
N ILE A 257 -11.09 0.72 7.70
CA ILE A 257 -12.01 1.84 7.76
C ILE A 257 -13.25 1.49 6.96
N LYS A 258 -14.34 2.22 7.22
CA LYS A 258 -15.62 1.99 6.57
C LYS A 258 -15.81 3.01 5.44
N VAL A 259 -15.98 2.52 4.23
CA VAL A 259 -16.22 3.34 3.04
C VAL A 259 -17.69 3.20 2.67
N ARG A 260 -18.43 4.30 2.68
CA ARG A 260 -19.88 4.20 2.55
C ARG A 260 -20.38 4.37 1.12
N GLY A 261 -19.50 4.67 0.19
CA GLY A 261 -19.88 4.82 -1.20
C GLY A 261 -18.71 5.35 -1.99
N LEU A 262 -18.86 5.26 -3.30
CA LEU A 262 -17.79 5.64 -4.22
C LEU A 262 -18.40 6.26 -5.45
N ASP A 263 -18.16 7.55 -5.66
CA ASP A 263 -18.81 8.33 -6.70
C ASP A 263 -17.89 8.59 -7.88
N MET A 264 -18.48 8.59 -9.07
CA MET A 264 -17.92 9.10 -10.31
C MET A 264 -19.01 9.91 -11.00
N PHE A 265 -18.66 11.12 -11.46
CA PHE A 265 -19.64 12.04 -12.05
C PHE A 265 -20.90 12.15 -11.19
N GLY A 266 -20.68 12.41 -9.90
CA GLY A 266 -21.74 12.62 -8.94
C GLY A 266 -22.59 11.40 -8.63
N THR A 267 -22.19 10.21 -9.05
CA THR A 267 -23.04 9.03 -9.05
C THR A 267 -22.41 7.91 -8.24
N ASN A 268 -23.14 7.39 -7.25
CA ASN A 268 -22.59 6.34 -6.39
C ASN A 268 -22.63 4.99 -7.09
N MET A 269 -21.46 4.42 -7.34
CA MET A 269 -21.37 3.11 -7.97
C MET A 269 -21.40 1.97 -6.98
N MET A 270 -21.27 2.26 -5.68
CA MET A 270 -21.24 1.21 -4.67
C MET A 270 -22.65 0.74 -4.38
N SER A 271 -22.84 -0.57 -4.40
CA SER A 271 -24.14 -1.17 -4.16
C SER A 271 -24.37 -1.51 -2.69
N SER A 272 -23.42 -1.22 -1.81
CA SER A 272 -23.47 -1.65 -0.42
C SER A 272 -24.40 -0.76 0.39
N SER A 273 -25.48 -1.35 0.90
CA SER A 273 -26.37 -0.65 1.82
C SER A 273 -25.55 -0.08 2.97
N LYS A 274 -25.13 -0.94 3.91
CA LYS A 274 -24.17 -0.55 4.92
C LYS A 274 -22.86 -0.15 4.25
N GLY A 275 -21.75 -0.15 4.99
CA GLY A 275 -20.49 0.22 4.41
C GLY A 275 -19.73 -0.95 3.79
N LEU A 276 -18.57 -0.63 3.25
CA LEU A 276 -17.48 -1.58 3.04
C LEU A 276 -16.40 -1.31 4.08
N GLU A 277 -15.92 -2.36 4.72
CA GLU A 277 -14.77 -2.26 5.61
C GLU A 277 -13.52 -2.54 4.79
N MET A 278 -12.65 -1.54 4.63
CA MET A 278 -11.53 -1.63 3.72
C MET A 278 -10.20 -1.59 4.46
N LEU A 279 -9.31 -2.53 4.14
CA LEU A 279 -7.98 -2.53 4.73
C LEU A 279 -7.16 -1.44 4.07
N VAL A 280 -6.46 -0.66 4.88
CA VAL A 280 -5.58 0.40 4.39
C VAL A 280 -4.20 -0.23 4.30
N ASP A 281 -3.81 -0.66 3.09
CA ASP A 281 -2.73 -1.61 2.92
C ASP A 281 -1.68 -1.13 1.93
N SER A 282 -0.53 -0.70 2.46
CA SER A 282 0.58 -0.28 1.62
C SER A 282 1.29 -1.45 0.95
N GLY A 283 1.07 -2.68 1.42
CA GLY A 283 1.58 -3.85 0.77
C GLY A 283 0.67 -4.37 -0.31
N SER A 284 -0.33 -3.60 -0.71
CA SER A 284 -1.18 -3.98 -1.82
C SER A 284 -0.97 -2.98 -2.96
N THR A 285 -0.40 -3.44 -4.06
CA THR A 285 -0.12 -2.57 -5.19
C THR A 285 -1.35 -1.79 -5.61
N PHE A 286 -2.46 -2.47 -5.74
CA PHE A 286 -3.65 -1.84 -6.29
C PHE A 286 -4.73 -1.76 -5.24
N THR A 287 -5.74 -0.96 -5.56
CA THR A 287 -6.95 -0.90 -4.79
C THR A 287 -7.93 -1.96 -5.32
N HIS A 288 -8.61 -2.65 -4.40
CA HIS A 288 -9.45 -3.81 -4.71
C HIS A 288 -10.85 -3.56 -4.20
N ILE A 289 -11.84 -3.72 -5.08
CA ILE A 289 -13.23 -3.34 -4.82
C ILE A 289 -14.15 -4.42 -5.34
N PRO A 290 -15.40 -4.46 -4.87
CA PRO A 290 -16.39 -5.44 -5.36
C PRO A 290 -16.56 -5.40 -6.88
N GLU A 291 -16.92 -6.54 -7.44
CA GLU A 291 -17.01 -6.68 -8.89
C GLU A 291 -18.02 -5.70 -9.50
N ASP A 292 -19.15 -5.47 -8.83
CA ASP A 292 -20.22 -4.65 -9.41
C ASP A 292 -19.79 -3.19 -9.52
N LEU A 293 -19.19 -2.64 -8.45
CA LEU A 293 -18.62 -1.30 -8.51
C LEU A 293 -17.52 -1.22 -9.55
N TYR A 294 -16.65 -2.23 -9.62
CA TYR A 294 -15.63 -2.31 -10.66
C TYR A 294 -16.25 -2.18 -12.06
N ASN A 295 -17.28 -2.98 -12.35
CA ASN A 295 -17.81 -2.99 -13.71
C ASN A 295 -18.48 -1.67 -14.06
N LYS A 296 -19.13 -1.02 -13.10
CA LYS A 296 -19.69 0.29 -13.37
C LYS A 296 -18.58 1.30 -13.71
N LEU A 297 -17.56 1.44 -12.84
CA LEU A 297 -16.45 2.32 -13.16
C LEU A 297 -15.84 1.98 -14.51
N ASN A 298 -15.64 0.68 -14.78
CA ASN A 298 -15.00 0.32 -16.04
C ASN A 298 -15.89 0.68 -17.23
N TYR A 299 -17.20 0.69 -17.03
CA TYR A 299 -18.11 1.04 -18.11
C TYR A 299 -17.85 2.45 -18.61
N PHE A 300 -17.58 3.38 -17.71
CA PHE A 300 -17.33 4.76 -18.10
C PHE A 300 -15.87 5.05 -18.39
N PHE A 301 -14.94 4.31 -17.79
CA PHE A 301 -13.55 4.46 -18.20
C PHE A 301 -13.35 3.96 -19.63
N ASP A 302 -14.10 2.94 -20.07
CA ASP A 302 -14.07 2.51 -21.47
C ASP A 302 -14.59 3.60 -22.40
N ILE A 303 -15.74 4.20 -22.07
CA ILE A 303 -16.23 5.32 -22.88
C ILE A 303 -15.15 6.38 -23.00
N LEU A 304 -14.39 6.62 -21.93
CA LEU A 304 -13.35 7.65 -21.93
C LEU A 304 -12.03 7.19 -22.56
N CYS A 305 -11.93 5.90 -22.93
CA CYS A 305 -10.73 5.32 -23.53
C CYS A 305 -10.93 5.26 -25.04
N ILE A 306 -10.22 6.11 -25.78
CA ILE A 306 -10.34 6.23 -27.24
C ILE A 306 -9.01 5.81 -27.84
N GLN A 307 -8.99 4.69 -28.58
CA GLN A 307 -7.69 4.17 -28.95
C GLN A 307 -7.09 4.86 -30.17
N ASP A 308 -7.91 5.50 -31.00
CA ASP A 308 -7.45 6.15 -32.22
C ASP A 308 -8.25 7.44 -32.43
N MET A 309 -7.60 8.60 -32.21
CA MET A 309 -8.31 9.87 -32.28
C MET A 309 -8.69 10.27 -33.70
N ASN A 310 -8.15 9.61 -34.73
CA ASN A 310 -8.48 10.00 -36.09
C ASN A 310 -9.65 9.20 -36.66
N ASN A 311 -10.19 8.25 -35.91
CA ASN A 311 -11.44 7.57 -36.23
C ASN A 311 -12.60 8.48 -35.84
N ALA A 312 -13.05 9.32 -36.78
CA ALA A 312 -14.11 10.27 -36.47
C ALA A 312 -15.40 9.54 -36.12
N TYR A 313 -15.67 8.39 -36.75
CA TYR A 313 -16.82 7.59 -36.35
C TYR A 313 -16.82 7.36 -34.85
N ASP A 314 -15.78 6.66 -34.35
CA ASP A 314 -15.73 6.34 -32.94
C ASP A 314 -15.77 7.59 -32.06
N VAL A 315 -15.08 8.66 -32.44
CA VAL A 315 -15.13 9.87 -31.61
C VAL A 315 -16.53 10.47 -31.65
N ASN A 316 -17.17 10.48 -32.82
CA ASN A 316 -18.52 11.01 -32.93
C ASN A 316 -19.54 10.14 -32.20
N LYS A 317 -19.38 8.81 -32.27
CA LYS A 317 -20.26 7.94 -31.50
C LYS A 317 -20.23 8.31 -30.02
N ARG A 318 -19.04 8.58 -29.48
CA ARG A 318 -18.97 8.89 -28.06
C ARG A 318 -19.58 10.25 -27.76
N LEU A 319 -19.30 11.26 -28.59
CA LEU A 319 -19.77 12.61 -28.31
C LEU A 319 -21.27 12.76 -28.50
N LYS A 320 -21.90 11.81 -29.20
CA LYS A 320 -23.34 11.75 -29.43
C LYS A 320 -24.11 11.12 -28.27
N MET A 321 -23.44 10.51 -27.30
CA MET A 321 -24.16 9.84 -26.22
C MET A 321 -24.90 10.85 -25.34
N THR A 322 -26.05 10.45 -24.84
CA THR A 322 -26.82 11.24 -23.89
C THR A 322 -27.00 10.45 -22.60
N ASN A 323 -27.59 11.08 -21.59
CA ASN A 323 -27.91 10.36 -20.35
C ASN A 323 -28.66 9.07 -20.65
N GLU A 324 -29.48 9.04 -21.71
CA GLU A 324 -30.25 7.86 -22.08
C GLU A 324 -29.41 6.77 -22.76
N SER A 325 -28.22 7.09 -23.25
CA SER A 325 -27.41 6.07 -23.93
C SER A 325 -26.86 5.03 -22.95
N PHE A 326 -26.61 5.44 -21.71
CA PHE A 326 -25.85 4.61 -20.78
C PHE A 326 -26.66 3.42 -20.27
N ASN A 327 -25.96 2.31 -20.05
CA ASN A 327 -26.48 1.24 -19.20
C ASN A 327 -26.99 1.81 -17.86
N ASN A 328 -26.11 2.50 -17.13
CA ASN A 328 -26.42 3.11 -15.83
C ASN A 328 -26.38 4.63 -15.97
N PRO A 329 -27.47 5.35 -15.72
CA PRO A 329 -27.44 6.81 -15.90
C PRO A 329 -26.65 7.52 -14.80
N LEU A 330 -26.22 8.74 -15.12
CA LEU A 330 -25.36 9.57 -14.29
C LEU A 330 -26.12 10.78 -13.76
N VAL A 331 -25.79 11.21 -12.54
CA VAL A 331 -26.40 12.42 -12.01
C VAL A 331 -25.66 13.68 -12.47
N GLN A 332 -24.36 13.59 -12.76
CA GLN A 332 -23.64 14.73 -13.33
C GLN A 332 -23.27 14.45 -14.78
N PHE A 333 -24.27 14.35 -15.66
CA PHE A 333 -23.98 14.10 -17.07
C PHE A 333 -23.09 15.18 -17.64
N ASP A 334 -23.31 16.44 -17.25
CA ASP A 334 -22.53 17.53 -17.82
C ASP A 334 -21.06 17.37 -17.49
N ASP A 335 -20.74 16.86 -16.30
CA ASP A 335 -19.35 16.63 -15.97
C ASP A 335 -18.74 15.49 -16.78
N PHE A 336 -19.54 14.49 -17.15
CA PHE A 336 -19.03 13.44 -18.04
C PHE A 336 -18.63 14.03 -19.40
N ARG A 337 -19.48 14.87 -19.99
CA ARG A 337 -19.11 15.43 -21.29
C ARG A 337 -17.91 16.36 -21.17
N LYS A 338 -17.84 17.14 -20.10
CA LYS A 338 -16.68 17.99 -19.88
C LYS A 338 -15.38 17.17 -19.88
N SER A 339 -15.41 15.99 -19.25
CA SER A 339 -14.26 15.10 -19.25
C SER A 339 -14.00 14.52 -20.64
N LEU A 340 -15.04 14.02 -21.30
CA LEU A 340 -14.91 13.48 -22.66
C LEU A 340 -14.36 14.52 -23.64
N LYS A 341 -14.90 15.74 -23.60
CA LYS A 341 -14.41 16.77 -24.52
C LYS A 341 -12.98 17.17 -24.20
N SER A 342 -12.60 17.12 -22.94
CA SER A 342 -11.23 17.47 -22.59
C SER A 342 -10.25 16.44 -23.13
N ILE A 343 -10.66 15.16 -23.12
CA ILE A 343 -9.80 14.09 -23.59
C ILE A 343 -9.66 14.16 -25.10
N ILE A 344 -10.77 14.40 -25.80
CA ILE A 344 -10.72 14.55 -27.25
C ILE A 344 -9.90 15.78 -27.61
N ALA A 345 -10.11 16.90 -26.92
CA ALA A 345 -9.45 18.14 -27.32
C ALA A 345 -7.93 18.04 -27.19
N LYS A 346 -7.43 17.54 -26.05
CA LYS A 346 -5.98 17.38 -25.85
C LYS A 346 -5.43 16.15 -26.55
N GLU A 347 -6.29 15.36 -27.18
CA GLU A 347 -5.89 14.11 -27.85
C GLU A 347 -5.27 13.12 -26.88
N ASN A 348 -5.82 13.07 -25.66
CA ASN A 348 -5.34 12.15 -24.64
C ASN A 348 -5.82 10.74 -25.01
N MET A 349 -5.02 10.07 -25.84
CA MET A 349 -5.41 8.78 -26.37
C MET A 349 -5.10 7.65 -25.38
N CYS A 350 -5.80 6.54 -25.56
CA CYS A 350 -5.80 5.46 -24.61
C CYS A 350 -5.40 4.16 -25.30
N VAL A 351 -4.65 3.31 -24.59
CA VAL A 351 -4.39 1.93 -25.01
C VAL A 351 -4.84 1.01 -23.88
N LYS A 352 -5.41 -0.14 -24.25
CA LYS A 352 -5.80 -1.19 -23.32
C LYS A 352 -4.68 -2.24 -23.24
N ILE A 353 -4.26 -2.55 -22.01
CA ILE A 353 -3.30 -3.63 -21.77
C ILE A 353 -3.97 -4.79 -21.04
N VAL A 354 -3.17 -5.76 -20.60
CA VAL A 354 -3.64 -7.03 -20.05
C VAL A 354 -4.89 -6.84 -19.20
N ASP A 355 -6.02 -7.35 -19.69
CA ASP A 355 -7.28 -7.47 -18.94
C ASP A 355 -8.19 -6.27 -19.09
N GLY A 356 -8.02 -5.49 -20.16
CA GLY A 356 -8.82 -4.27 -20.24
C GLY A 356 -8.51 -3.25 -19.16
N VAL A 357 -7.25 -3.09 -18.82
CA VAL A 357 -6.78 -1.99 -17.98
C VAL A 357 -6.50 -0.81 -18.89
N GLN A 358 -7.24 0.27 -18.74
CA GLN A 358 -7.04 1.45 -19.58
C GLN A 358 -5.76 2.19 -19.19
N CYS A 359 -5.05 2.71 -20.19
CA CYS A 359 -3.88 3.56 -19.99
C CYS A 359 -4.00 4.81 -20.86
N TRP A 360 -3.98 5.98 -20.23
CA TRP A 360 -4.02 7.23 -20.97
C TRP A 360 -2.63 7.86 -21.09
N LYS A 361 -2.48 8.66 -22.13
CA LYS A 361 -1.23 9.36 -22.35
C LYS A 361 -1.06 10.55 -21.41
N TYR A 362 -2.15 11.16 -20.94
CA TYR A 362 -2.08 12.26 -19.99
C TYR A 362 -3.01 12.04 -18.83
N LEU A 363 -2.65 12.64 -17.68
CA LEU A 363 -3.61 12.77 -16.59
C LEU A 363 -4.77 13.71 -16.98
N GLU A 364 -4.53 14.61 -17.92
CA GLU A 364 -5.46 15.69 -18.21
C GLU A 364 -6.79 15.15 -18.70
N GLY A 365 -7.87 15.59 -18.06
CA GLY A 365 -9.21 15.27 -18.47
C GLY A 365 -9.86 14.13 -17.72
N LEU A 366 -9.07 13.22 -17.14
CA LEU A 366 -9.66 12.14 -16.38
C LEU A 366 -10.44 12.71 -15.18
N PRO A 367 -11.51 12.05 -14.75
CA PRO A 367 -12.32 12.59 -13.65
C PRO A 367 -11.72 12.32 -12.28
N ASP A 368 -12.23 13.07 -11.31
CA ASP A 368 -12.01 12.68 -9.93
C ASP A 368 -12.99 11.59 -9.52
N LEU A 369 -12.53 10.71 -8.65
CA LEU A 369 -13.41 9.81 -7.94
C LEU A 369 -13.57 10.34 -6.52
N PHE A 370 -14.66 9.97 -5.88
CA PHE A 370 -15.01 10.50 -4.58
C PHE A 370 -15.39 9.36 -3.66
N VAL A 371 -14.63 9.21 -2.60
CA VAL A 371 -14.84 8.14 -1.64
C VAL A 371 -15.62 8.73 -0.47
N THR A 372 -16.80 8.17 -0.20
CA THR A 372 -17.66 8.64 0.87
C THR A 372 -17.21 7.98 2.18
N LEU A 373 -16.66 8.78 3.07
CA LEU A 373 -16.20 8.26 4.35
C LEU A 373 -17.32 8.36 5.38
N SER A 374 -17.04 7.86 6.59
CA SER A 374 -18.12 7.71 7.57
C SER A 374 -18.67 9.07 7.99
N ASN A 375 -17.87 10.13 7.88
CA ASN A 375 -18.38 11.46 8.13
C ASN A 375 -19.61 11.79 7.28
N ASN A 376 -19.78 11.07 6.17
CA ASN A 376 -20.51 11.51 4.99
C ASN A 376 -19.66 12.46 4.16
N TYR A 377 -18.46 12.79 4.63
CA TYR A 377 -17.49 13.51 3.82
C TYR A 377 -17.14 12.72 2.57
N LYS A 378 -17.00 13.41 1.45
CA LYS A 378 -16.67 12.79 0.18
C LYS A 378 -15.26 13.18 -0.21
N MET A 379 -14.34 12.22 -0.10
CA MET A 379 -12.92 12.49 -0.25
C MET A 379 -12.51 12.33 -1.71
N LYS A 380 -11.75 13.31 -2.21
CA LYS A 380 -11.35 13.33 -3.59
C LYS A 380 -10.21 12.35 -3.84
N TRP A 381 -10.38 11.51 -4.85
CA TRP A 381 -9.39 10.52 -5.27
C TRP A 381 -9.02 10.87 -6.71
N GLN A 382 -7.86 11.50 -6.92
CA GLN A 382 -7.58 12.08 -8.22
C GLN A 382 -6.85 11.11 -9.15
N PRO A 383 -6.83 11.43 -10.45
CA PRO A 383 -6.08 10.58 -11.39
C PRO A 383 -4.59 10.43 -11.09
N HIS A 384 -3.93 11.39 -10.41
CA HIS A 384 -2.52 11.15 -10.17
C HIS A 384 -2.30 10.16 -9.03
N SER A 385 -3.35 9.78 -8.33
CA SER A 385 -3.31 8.66 -7.40
C SER A 385 -3.74 7.37 -8.09
N TYR A 386 -4.99 7.30 -8.56
CA TYR A 386 -5.49 5.99 -8.99
C TYR A 386 -4.96 5.54 -10.36
N LEU A 387 -4.40 6.43 -11.16
CA LEU A 387 -3.57 6.06 -12.30
C LEU A 387 -2.12 5.97 -11.84
N TYR A 388 -1.36 5.07 -12.48
CA TYR A 388 0.04 4.87 -12.10
C TYR A 388 0.91 4.90 -13.35
N LYS A 389 2.17 5.28 -13.19
CA LYS A 389 3.01 5.51 -14.37
C LYS A 389 3.58 4.20 -14.88
N LYS A 390 3.21 3.84 -16.10
CA LYS A 390 3.77 2.70 -16.82
C LYS A 390 4.34 3.22 -18.13
N GLU A 391 5.67 3.24 -18.23
CA GLU A 391 6.35 3.81 -19.38
C GLU A 391 5.84 5.22 -19.67
N SER A 392 5.25 5.44 -20.84
CA SER A 392 4.81 6.78 -21.23
C SER A 392 3.32 6.99 -21.02
N PHE A 393 2.62 6.01 -20.45
CA PHE A 393 1.18 6.07 -20.20
C PHE A 393 0.86 6.16 -18.70
N TRP A 394 -0.38 6.54 -18.42
CA TRP A 394 -0.97 6.51 -17.08
C TRP A 394 -2.03 5.43 -17.06
N CYS A 395 -1.83 4.37 -16.28
CA CYS A 395 -2.70 3.20 -16.28
C CYS A 395 -3.53 3.14 -15.00
N LYS A 396 -4.78 2.68 -15.15
CA LYS A 396 -5.69 2.52 -14.03
C LYS A 396 -5.22 1.40 -13.12
N GLY A 397 -5.11 1.70 -11.83
CA GLY A 397 -4.72 0.68 -10.86
C GLY A 397 -5.85 0.39 -9.90
N ILE A 398 -6.98 -0.07 -10.43
CA ILE A 398 -8.13 -0.47 -9.64
C ILE A 398 -8.52 -1.87 -10.09
N GLU A 399 -8.60 -2.80 -9.15
CA GLU A 399 -8.87 -4.19 -9.48
C GLU A 399 -10.06 -4.74 -8.71
N LYS A 400 -10.58 -5.87 -9.20
CA LYS A 400 -11.58 -6.62 -8.48
C LYS A 400 -11.00 -7.18 -7.19
N GLN A 401 -11.74 -7.03 -6.10
CA GLN A 401 -11.37 -7.75 -4.90
C GLN A 401 -11.57 -9.23 -5.10
N VAL A 402 -10.91 -10.01 -4.26
CA VAL A 402 -11.12 -11.45 -4.21
C VAL A 402 -11.38 -11.82 -2.76
N ASN A 403 -12.04 -12.95 -2.56
CA ASN A 403 -12.23 -13.43 -1.20
C ASN A 403 -13.07 -12.48 -0.36
N ASN A 404 -13.74 -11.52 -0.99
CA ASN A 404 -14.54 -10.54 -0.26
C ASN A 404 -13.68 -9.62 0.62
N LYS A 405 -12.46 -9.31 0.16
CA LYS A 405 -11.53 -8.44 0.89
C LYS A 405 -11.33 -7.15 0.10
N PRO A 406 -12.13 -6.12 0.34
CA PRO A 406 -11.83 -4.82 -0.29
C PRO A 406 -10.58 -4.22 0.32
N ILE A 407 -9.76 -3.57 -0.51
CA ILE A 407 -8.49 -3.03 -0.05
C ILE A 407 -8.23 -1.66 -0.66
N LEU A 408 -7.88 -0.70 0.20
CA LEU A 408 -7.29 0.56 -0.22
C LEU A 408 -5.77 0.36 -0.29
N GLY A 409 -5.22 0.31 -1.50
CA GLY A 409 -3.82 0.00 -1.70
C GLY A 409 -2.97 1.19 -2.12
N LEU A 410 -1.84 0.89 -2.77
CA LEU A 410 -0.83 1.92 -3.02
C LEU A 410 -1.36 3.01 -3.94
N THR A 411 -2.26 2.68 -4.85
CA THR A 411 -2.90 3.68 -5.70
C THR A 411 -3.92 4.51 -4.94
N PHE A 412 -4.12 4.24 -3.66
CA PHE A 412 -4.85 5.17 -2.82
C PHE A 412 -3.92 5.99 -1.93
N PHE A 413 -2.75 5.44 -1.55
CA PHE A 413 -1.74 6.20 -0.81
C PHE A 413 -1.08 7.23 -1.70
N LYS A 414 -0.97 6.96 -3.01
CA LYS A 414 -0.05 7.71 -3.86
C LYS A 414 -0.42 9.21 -3.88
N ASN A 415 0.62 10.05 -3.77
CA ASN A 415 0.52 11.51 -3.73
C ASN A 415 -0.36 11.99 -2.58
N ARG A 416 -0.28 11.24 -1.48
CA ARG A 416 -0.93 11.59 -0.23
C ARG A 416 -0.02 11.29 0.94
N GLN A 417 -0.26 11.99 2.03
CA GLN A 417 0.18 11.54 3.35
C GLN A 417 -0.95 10.72 3.97
N VAL A 418 -0.68 9.45 4.25
CA VAL A 418 -1.59 8.60 5.01
C VAL A 418 -1.02 8.45 6.41
N ILE A 419 -1.81 8.87 7.40
CA ILE A 419 -1.36 9.17 8.76
C ILE A 419 -1.99 8.17 9.71
N PHE A 420 -1.19 7.23 10.20
CA PHE A 420 -1.67 6.21 11.12
C PHE A 420 -1.50 6.75 12.54
N ASP A 421 -2.62 7.21 13.13
CA ASP A 421 -2.60 7.81 14.47
C ASP A 421 -2.91 6.73 15.49
N ILE A 422 -1.85 6.07 15.96
CA ILE A 422 -2.03 4.88 16.77
C ILE A 422 -2.66 5.20 18.12
N GLN A 423 -2.25 6.30 18.75
CA GLN A 423 -2.76 6.60 20.08
C GLN A 423 -4.27 6.87 20.08
N LYS A 424 -4.79 7.46 19.00
CA LYS A 424 -6.20 7.84 18.90
C LYS A 424 -7.04 6.89 18.03
N ASN A 425 -6.47 5.80 17.49
CA ASN A 425 -7.24 4.84 16.69
C ASN A 425 -7.87 5.47 15.44
N ARG A 426 -7.15 6.38 14.78
CA ARG A 426 -7.64 7.02 13.57
C ARG A 426 -6.59 7.00 12.48
N ILE A 427 -7.04 7.11 11.23
CA ILE A 427 -6.16 7.24 10.07
C ILE A 427 -6.56 8.52 9.33
N GLY A 428 -5.57 9.32 8.97
CA GLY A 428 -5.80 10.59 8.32
C GLY A 428 -5.23 10.64 6.92
N PHE A 429 -5.86 11.47 6.07
CA PHE A 429 -5.46 11.62 4.67
C PHE A 429 -5.41 13.10 4.33
N VAL A 430 -4.39 13.50 3.57
CA VAL A 430 -4.31 14.85 3.01
C VAL A 430 -3.43 14.79 1.78
N ASP A 431 -3.75 15.60 0.78
CA ASP A 431 -2.94 15.65 -0.44
C ASP A 431 -1.58 16.25 -0.11
N ALA A 432 -0.55 15.75 -0.80
CA ALA A 432 0.82 16.05 -0.40
C ALA A 432 1.76 16.00 -1.59
N ASN A 433 2.90 16.69 -1.44
CA ASN A 433 4.03 16.60 -2.37
C ASN A 433 5.06 15.70 -1.71
N CYS A 434 4.95 14.43 -2.00
CA CYS A 434 5.79 13.44 -1.33
C CYS A 434 7.19 13.43 -1.94
N PRO A 435 8.21 13.23 -1.10
CA PRO A 435 9.58 13.08 -1.62
C PRO A 435 9.65 11.94 -2.63
N SER A 436 10.68 12.01 -3.47
CA SER A 436 10.93 11.00 -4.49
C SER A 436 12.34 10.46 -4.34
N HIS A 437 12.49 9.16 -4.58
CA HIS A 437 13.75 8.46 -4.53
C HIS A 437 13.70 7.29 -5.51
N PRO A 438 14.59 7.24 -6.51
CA PRO A 438 15.60 8.26 -6.79
C PRO A 438 15.00 9.40 -7.58
C1 NAG B . -29.99 11.03 -15.79
C2 NAG B . -30.31 12.36 -15.11
C3 NAG B . -30.70 12.12 -13.65
C4 NAG B . -31.89 11.18 -13.57
C5 NAG B . -31.55 9.87 -14.29
C6 NAG B . -32.71 8.89 -14.34
C7 NAG B . -29.26 14.44 -15.89
C8 NAG B . -28.03 15.29 -15.89
N2 NAG B . -29.20 13.30 -15.21
O3 NAG B . -31.00 13.35 -13.02
O4 NAG B . -32.16 10.91 -12.20
O5 NAG B . -31.14 10.12 -15.65
O6 NAG B . -33.79 9.34 -15.16
O7 NAG B . -30.28 14.77 -16.51
C1 NAG B . -33.58 10.93 -11.88
C2 NAG B . -33.75 10.31 -10.47
C3 NAG B . -35.22 10.33 -10.05
C4 NAG B . -35.78 11.74 -10.16
C5 NAG B . -35.55 12.27 -11.58
C6 NAG B . -36.02 13.69 -11.79
C7 NAG B . -31.92 8.69 -10.21
C8 NAG B . -31.53 7.24 -10.23
N2 NAG B . -33.22 8.95 -10.44
O3 NAG B . -35.37 9.86 -8.72
O4 NAG B . -37.16 11.76 -9.84
O5 NAG B . -34.14 12.25 -11.88
O6 NAG B . -36.09 14.02 -13.17
O7 NAG B . -31.12 9.58 -9.98
C1 NAG C . -14.29 8.61 16.22
C2 NAG C . -15.78 8.89 16.51
C3 NAG C . -15.92 9.96 17.61
C4 NAG C . -15.13 9.55 18.84
C5 NAG C . -13.68 9.37 18.44
C6 NAG C . -12.78 8.99 19.59
C7 NAG C . -17.05 8.42 14.47
C8 NAG C . -17.73 8.99 13.26
N2 NAG C . -16.47 9.30 15.29
O3 NAG C . -17.30 10.15 17.92
O4 NAG C . -15.26 10.53 19.87
O5 NAG C . -13.59 8.33 17.46
O6 NAG C . -13.34 7.97 20.40
O7 NAG C . -17.00 7.20 14.67
C42 EQG D . 0.47 -7.69 -6.87
O51 EQG D . 0.25 -8.89 -6.78
O43 EQG D . 0.23 -6.97 -7.99
C44 EQG D . -0.21 -7.68 -9.16
C45 EQG D . 0.95 -8.32 -9.82
C46 EQG D . 0.76 -9.22 -10.87
C47 EQG D . 1.84 -9.81 -11.50
C48 EQG D . 3.12 -9.52 -11.08
C49 EQG D . 3.34 -8.62 -10.03
C50 EQG D . 2.27 -8.02 -9.41
N41 EQG D . 0.97 -7.01 -5.82
C33 EQG D . 1.24 -7.69 -4.64
C34 EQG D . 2.39 -7.03 -3.87
C35 EQG D . 3.81 -7.27 -4.40
C02 EQG D . 0.05 -7.48 -3.71
O36 EQG D . 4.06 -8.63 -4.81
N37 EQG D . 4.30 -9.52 -3.78
C38 EQG D . 5.65 -9.85 -3.27
N39 EQG D . 6.66 -9.15 -3.88
N40 EQG D . 5.94 -10.69 -2.34
O01 EQG D . -0.61 -6.44 -3.74
N03 EQG D . -0.26 -8.53 -2.87
C04 EQG D . -1.32 -8.36 -1.92
C11 EQG D . -0.87 -9.05 -0.64
O32 EQG D . -1.03 -10.25 -0.41
C05 EQG D . -2.84 -8.58 -2.35
C10 EQG D . -3.72 -9.23 -1.32
C09 EQG D . -5.20 -9.17 -1.75
C08 EQG D . -5.44 -9.65 -3.18
C07 EQG D . -4.43 -9.06 -4.14
C06 EQG D . -3.00 -9.28 -3.64
N12 EQG D . -0.20 -8.21 0.22
C13 EQG D . 0.33 -8.60 1.49
C28 EQG D . 1.85 -8.22 1.53
C29 EQG D . 2.67 -8.60 0.26
C30 EQG D . 4.00 -7.87 0.20
C31 EQG D . 2.99 -10.05 0.22
C14 EQG D . -0.46 -7.87 2.65
O15 EQG D . -0.45 -6.49 2.47
C16 EQG D . -1.81 -8.51 2.90
C17 EQG D . -1.67 -9.84 3.58
O27 EQG D . -1.69 -10.90 2.94
C21 EQG D . -3.79 -10.89 6.49
C22 EQG D . -4.71 -11.92 6.27
C23 EQG D . -6.02 -11.65 5.88
C24 EQG D . -6.44 -10.33 5.70
C25 EQG D . -5.54 -9.29 5.93
C26 EQG D . -4.23 -9.57 6.33
C20 EQG D . -2.39 -11.19 6.93
C19 EQG D . -1.29 -11.09 5.83
N18 EQG D . -1.47 -9.94 4.96
H441 EQG D . -0.67 -7.06 -9.74
H442 EQG D . -0.86 -8.37 -8.93
H461 EQG D . -0.12 -9.42 -11.15
H471 EQG D . 1.71 -10.42 -12.19
H481 EQG D . 3.85 -9.94 -11.50
H491 EQG D . 4.21 -8.43 -9.75
H501 EQG D . 2.41 -7.42 -8.70
H411 EQG D . 0.71 -6.19 -5.77
H331 EQG D . 1.43 -8.63 -4.80
H341 EQG D . 2.24 -6.07 -3.80
H342 EQG D . 2.30 -7.33 -2.96
H351 EQG D . 4.02 -6.78 -5.21
H352 EQG D . 4.47 -6.99 -3.74
H371 EQG D . 3.60 -9.95 -3.44
H391 EQG D . 7.47 -9.28 -3.64
H401 EQG D . 5.25 -11.11 -1.97
H031 EQG D . 0.23 -9.22 -2.84
H041 EQG D . -1.28 -7.42 -1.67
H051 EQG D . -3.18 -7.69 -2.50
H101 EQG D . -3.46 -10.15 -1.16
H102 EQG D . -3.62 -8.78 -0.46
H091 EQG D . -5.75 -9.66 -1.13
H092 EQG D . -5.52 -8.26 -1.66
H081 EQG D . -5.43 -10.62 -3.22
H082 EQG D . -6.35 -9.43 -3.47
H071 EQG D . -4.53 -9.46 -5.02
H072 EQG D . -4.61 -8.12 -4.29
H061 EQG D . -2.82 -10.23 -3.57
H062 EQG D . -2.36 -8.94 -4.29
H121 EQG D . -0.12 -7.39 0.00
H131 EQG D . 0.21 -9.56 1.57
H281 EQG D . 2.25 -8.63 2.31
H282 EQG D . 1.99 -7.27 1.72
H291 EQG D . 2.15 -8.39 -0.53
H301 EQG D . 4.45 -7.80 1.06
H302 EQG D . 4.64 -8.31 -0.39
H303 EQG D . 3.92 -6.96 -0.14
H311 EQG D . 3.60 -10.34 0.92
H312 EQG D . 2.18 -10.58 0.36
H313 EQG D . 3.36 -10.34 -0.62
H141 EQG D . 0.07 -7.97 3.45
H151 EQG D . -0.67 -6.10 3.19
H161 EQG D . -2.27 -8.62 2.03
H162 EQG D . -2.39 -7.94 3.43
H221 EQG D . -4.45 -12.81 6.38
H231 EQG D . -6.62 -12.33 5.73
H241 EQG D . -7.30 -10.14 5.44
H251 EQG D . -5.80 -8.40 5.81
H261 EQG D . -3.64 -8.85 6.47
H201 EQG D . -2.38 -12.07 7.34
H202 EQG D . -2.17 -10.60 7.67
H191 EQG D . -1.33 -11.88 5.27
H192 EQG D . -0.41 -11.10 6.23
H181 EQG D . -1.45 -9.15 5.39
H392 EQG D . 6.50 -8.58 -4.52
C1 EDO E . -5.39 17.16 14.15
O1 EDO E . -5.84 17.95 13.03
C2 EDO E . -6.30 17.42 15.35
O2 EDO E . -7.59 16.82 15.14
H11 EDO E . -5.42 16.10 13.88
H12 EDO E . -4.37 17.43 14.39
HO1 EDO E . -5.26 17.79 12.27
H21 EDO E . -5.84 16.99 16.25
H22 EDO E . -6.41 18.48 15.51
HO2 EDO E . -8.15 16.99 15.91
C1 EDO F . -0.73 -11.31 10.56
O1 EDO F . 0.46 -10.77 9.92
C2 EDO F . -1.52 -10.20 11.25
O2 EDO F . -1.27 -8.91 10.62
H11 EDO F . -1.35 -11.81 9.82
H12 EDO F . -0.44 -12.06 11.30
HO1 EDO F . 0.95 -11.49 9.50
H21 EDO F . -2.59 -10.43 11.19
H22 EDO F . -1.25 -10.15 12.30
HO2 EDO F . -1.79 -8.23 11.07
#